data_3BAE
#
_entry.id   3BAE
#
_cell.length_a   51.658
_cell.length_b   66.365
_cell.length_c   115.337
_cell.angle_alpha   90.00
_cell.angle_beta   90.00
_cell.angle_gamma   90.00
#
_symmetry.space_group_name_H-M   'P 21 21 21'
#
loop_
_entity.id
_entity.type
_entity.pdbx_description
1 polymer 'WO2 IgG2a Fab fragment Light Chain Kappa'
2 polymer 'WO2 IgG2a Fab fragment Heavy Chain'
3 polymer 'Amyloid Beta Peptide'
4 water water
#
loop_
_entity_poly.entity_id
_entity_poly.type
_entity_poly.pdbx_seq_one_letter_code
_entity_poly.pdbx_strand_id
1 'polypeptide(L)'
;DVLMTQTPLSLPVNLGEQASISCRSSQSIVHSNGHTYLEWYLQRPGQSPKLLIYQVSTRFSGVPDRFSGSGSGTDFTLRI
SRVEAEDLGVYYCFQASLVPLTFGAGTKLELKRADAAPTVSIFPPSSEQLTSGGASVVCFLNNFYPKDINVKWKIDGSER
QNGVLNSWTDQDSKDSTYSMSSTLTLTKDEYERHNSYTCEATHKTSTSPIVKSFNRNE
;
L
2 'polypeptide(L)'
;EVTLKESGPGLLKPSQTLSLTCSFSGFSIRTSKVGVSWIRQPSGKGLEWLAHIYWDDDKRYNPSLESRLTISKDTSRDMV
FMKITSVDTADTATYYCARRGFYGRKYEVNHFDYWGQGTTLTVSSAKTTAPSVYPLAPVCGDTTGSSVTLGCLVKGYFPE
PVTLTWNSGSLSSGVHTFPAVLQSDLYTLSSSVTVTSSTWPSESITCNVAHPASSTKVDKKIVPRDCG
;
H
3 'polypeptide(L)' DAEFRHDSGYEVHHQKLVFFAEDVGSNK A
#
# COMPACT_ATOMS: atom_id res chain seq x y z
N ASP A 1 -7.05 -24.22 -5.11
CA ASP A 1 -5.79 -23.45 -4.84
C ASP A 1 -5.39 -23.47 -3.35
N VAL A 2 -4.11 -23.28 -3.08
CA VAL A 2 -3.66 -23.32 -1.71
C VAL A 2 -3.82 -21.95 -1.08
N LEU A 3 -4.76 -21.85 -0.15
CA LEU A 3 -4.94 -20.61 0.64
C LEU A 3 -3.94 -20.61 1.77
N MET A 4 -3.22 -19.52 1.95
CA MET A 4 -2.24 -19.39 2.99
C MET A 4 -2.72 -18.40 4.03
N THR A 5 -3.11 -18.87 5.21
CA THR A 5 -3.77 -18.03 6.20
C THR A 5 -2.78 -17.68 7.30
N GLN A 6 -2.40 -16.41 7.36
CA GLN A 6 -1.50 -15.89 8.40
C GLN A 6 -2.29 -15.33 9.60
N THR A 7 -1.80 -15.62 10.80
CA THR A 7 -2.41 -15.04 12.02
C THR A 7 -1.30 -14.60 12.95
N PRO A 8 -1.41 -13.36 13.52
CA PRO A 8 -2.40 -12.32 13.23
C PRO A 8 -2.01 -11.58 11.96
N LEU A 9 -2.92 -10.78 11.38
CA LEU A 9 -2.56 -9.87 10.27
C LEU A 9 -1.86 -8.60 10.74
N SER A 10 -2.06 -8.22 12.00
CA SER A 10 -1.40 -7.05 12.61
C SER A 10 -0.76 -7.51 13.91
N LEU A 11 0.51 -7.18 14.12
CA LEU A 11 1.27 -7.62 15.28
C LEU A 11 2.14 -6.46 15.83
N PRO A 12 1.53 -5.58 16.62
CA PRO A 12 2.31 -4.60 17.39
C PRO A 12 3.25 -5.25 18.38
N VAL A 13 4.48 -4.77 18.45
CA VAL A 13 5.49 -5.31 19.38
C VAL A 13 6.34 -4.18 19.95
N ASN A 14 6.82 -4.41 21.16
CA ASN A 14 7.88 -3.59 21.70
C ASN A 14 9.23 -4.17 21.27
N LEU A 15 10.14 -3.29 20.88
CA LEU A 15 11.48 -3.74 20.54
C LEU A 15 12.04 -4.52 21.74
N GLY A 16 12.72 -5.63 21.46
CA GLY A 16 13.36 -6.43 22.50
C GLY A 16 12.48 -7.59 22.93
N GLU A 17 11.20 -7.56 22.54
CA GLU A 17 10.27 -8.65 22.84
C GLU A 17 10.32 -9.68 21.74
N GLN A 18 9.84 -10.88 22.06
CA GLN A 18 9.70 -11.93 21.08
C GLN A 18 8.41 -11.74 20.28
N ALA A 19 8.40 -12.30 19.08
CA ALA A 19 7.22 -12.25 18.21
C ALA A 19 7.06 -13.58 17.48
N SER A 20 5.83 -13.90 17.12
CA SER A 20 5.48 -15.19 16.52
C SER A 20 4.37 -14.93 15.52
N ILE A 21 4.51 -15.50 14.33
CA ILE A 21 3.50 -15.40 13.25
C ILE A 21 3.18 -16.82 12.77
N SER A 22 1.89 -17.18 12.75
CA SER A 22 1.48 -18.49 12.30
C SER A 22 1.05 -18.40 10.87
N CYS A 23 1.33 -19.46 10.12
CA CYS A 23 0.91 -19.57 8.73
C CYS A 23 0.34 -20.98 8.56
N ARG A 24 -0.91 -21.02 8.13
CA ARG A 24 -1.61 -22.26 7.89
C ARG A 24 -1.89 -22.42 6.38
N SER A 25 -1.48 -23.51 5.76
CA SER A 25 -1.88 -23.81 4.37
C SER A 25 -3.19 -24.60 4.36
N SER A 26 -4.01 -24.40 3.32
CA SER A 26 -5.31 -25.08 3.24
C SER A 26 -5.24 -26.58 2.88
N GLN A 27 -4.08 -27.01 2.38
CA GLN A 27 -3.77 -28.41 2.14
C GLN A 27 -2.26 -28.60 2.30
N SER A 28 -1.80 -29.86 2.40
CA SER A 28 -0.36 -30.13 2.51
C SER A 28 0.42 -29.47 1.36
N ILE A 29 1.53 -28.84 1.72
CA ILE A 29 2.45 -28.30 0.72
C ILE A 29 3.78 -29.09 0.71
N VAL A 30 3.74 -30.33 1.19
CA VAL A 30 4.84 -31.26 0.92
C VAL A 30 4.83 -31.62 -0.58
N HIS A 31 5.93 -31.33 -1.29
CA HIS A 31 6.06 -31.68 -2.74
C HIS A 31 6.35 -33.16 -2.87
N SER A 32 6.00 -33.73 -4.02
CA SER A 32 6.30 -35.11 -4.32
C SER A 32 7.81 -35.40 -4.28
N ASN A 33 8.63 -34.38 -4.44
CA ASN A 33 10.09 -34.60 -4.50
C ASN A 33 10.69 -34.78 -3.13
N GLY A 34 9.88 -34.48 -2.10
CA GLY A 34 10.19 -34.66 -0.69
C GLY A 34 10.38 -33.37 0.10
N HIS A 35 10.55 -32.22 -0.59
CA HIS A 35 10.73 -30.93 0.09
C HIS A 35 9.37 -30.25 0.32
N THR A 36 9.37 -29.41 1.34
CA THR A 36 8.24 -28.55 1.67
C THR A 36 8.70 -27.14 1.33
N TYR A 37 8.17 -26.61 0.23
CA TYR A 37 8.58 -25.29 -0.28
C TYR A 37 7.75 -24.22 0.43
N LEU A 38 8.04 -24.07 1.72
CA LEU A 38 7.51 -22.98 2.53
C LEU A 38 8.63 -21.91 2.77
N GLU A 39 8.35 -20.68 2.33
CA GLU A 39 9.29 -19.58 2.42
C GLU A 39 8.65 -18.41 3.24
N TRP A 40 9.48 -17.73 3.98
CA TRP A 40 9.09 -16.49 4.64
C TRP A 40 9.84 -15.33 3.97
N TYR A 41 9.11 -14.29 3.60
CA TYR A 41 9.68 -13.06 3.04
C TYR A 41 9.30 -11.89 3.92
N LEU A 42 10.20 -10.93 4.01
CA LEU A 42 9.99 -9.70 4.76
C LEU A 42 10.06 -8.52 3.80
N GLN A 43 9.06 -7.67 3.86
CA GLN A 43 9.12 -6.42 3.12
C GLN A 43 9.13 -5.27 4.12
N ARG A 44 10.30 -4.67 4.31
CA ARG A 44 10.45 -3.50 5.19
C ARG A 44 9.78 -2.29 4.52
N PRO A 45 9.33 -1.34 5.32
CA PRO A 45 8.64 -0.18 4.77
C PRO A 45 9.51 0.51 3.71
N GLY A 46 8.93 0.72 2.54
CA GLY A 46 9.63 1.45 1.46
C GLY A 46 10.73 0.64 0.77
N GLN A 47 10.70 -0.68 0.93
CA GLN A 47 11.75 -1.57 0.38
C GLN A 47 11.12 -2.77 -0.35
N SER A 48 11.96 -3.50 -1.06
CA SER A 48 11.59 -4.68 -1.85
C SER A 48 11.51 -5.85 -0.88
N PRO A 49 10.68 -6.88 -1.20
CA PRO A 49 10.70 -8.06 -0.33
C PRO A 49 12.03 -8.76 -0.36
N LYS A 50 12.32 -9.47 0.72
CA LYS A 50 13.57 -10.18 0.84
C LYS A 50 13.35 -11.51 1.52
N LEU A 51 14.17 -12.47 1.12
CA LEU A 51 14.07 -13.81 1.66
C LEU A 51 14.65 -13.94 3.09
N LEU A 52 13.86 -14.51 4.00
CA LEU A 52 14.33 -14.78 5.37
C LEU A 52 14.63 -16.27 5.52
N ILE A 53 13.63 -17.10 5.23
CA ILE A 53 13.64 -18.54 5.52
C ILE A 53 13.08 -19.29 4.31
N TYR A 54 13.70 -20.42 3.99
CA TYR A 54 13.22 -21.34 2.97
C TYR A 54 13.20 -22.78 3.48
N GLN A 55 12.50 -23.65 2.75
CA GLN A 55 12.31 -25.07 3.16
C GLN A 55 11.92 -25.18 4.65
N VAL A 56 10.97 -24.31 5.07
CA VAL A 56 10.41 -24.22 6.42
C VAL A 56 11.32 -23.60 7.48
N SER A 57 12.60 -23.97 7.50
CA SER A 57 13.43 -23.64 8.66
C SER A 57 14.89 -23.30 8.36
N THR A 58 15.25 -23.16 7.08
CA THR A 58 16.62 -22.82 6.74
C THR A 58 16.71 -21.30 6.54
N ARG A 59 17.55 -20.64 7.34
CA ARG A 59 17.79 -19.19 7.17
C ARG A 59 18.61 -18.94 5.91
N PHE A 60 18.16 -17.96 5.11
CA PHE A 60 18.91 -17.43 3.96
C PHE A 60 20.17 -16.74 4.48
N SER A 61 21.18 -16.67 3.62
CA SER A 61 22.46 -16.02 3.96
C SER A 61 22.32 -14.57 4.37
N GLY A 62 22.85 -14.24 5.56
CA GLY A 62 22.78 -12.90 6.10
C GLY A 62 21.61 -12.64 7.04
N VAL A 63 20.68 -13.61 7.14
CA VAL A 63 19.53 -13.50 8.03
C VAL A 63 19.92 -14.00 9.41
N PRO A 64 19.79 -13.13 10.42
CA PRO A 64 20.32 -13.43 11.77
C PRO A 64 19.56 -14.51 12.52
N ASP A 65 20.22 -15.15 13.49
CA ASP A 65 19.63 -16.34 14.12
C ASP A 65 18.50 -16.08 15.14
N ARG A 66 18.13 -14.82 15.36
CA ARG A 66 16.91 -14.49 16.11
C ARG A 66 15.65 -14.90 15.33
N PHE A 67 15.76 -15.02 14.00
CA PHE A 67 14.68 -15.62 13.19
C PHE A 67 14.77 -17.15 13.18
N SER A 68 13.63 -17.81 13.36
CA SER A 68 13.54 -19.26 13.31
C SER A 68 12.18 -19.68 12.76
N GLY A 69 12.20 -20.59 11.80
CA GLY A 69 10.98 -21.15 11.26
C GLY A 69 10.86 -22.59 11.65
N SER A 70 9.64 -22.99 11.93
CA SER A 70 9.30 -24.34 12.29
C SER A 70 7.97 -24.74 11.67
N GLY A 71 7.65 -26.01 11.81
CA GLY A 71 6.37 -26.57 11.42
C GLY A 71 6.53 -27.61 10.35
N SER A 72 5.38 -28.10 9.87
CA SER A 72 5.32 -29.14 8.87
C SER A 72 3.94 -29.31 8.28
N GLY A 73 3.90 -29.75 7.02
CA GLY A 73 2.67 -30.14 6.35
C GLY A 73 1.84 -28.94 5.93
N THR A 74 1.03 -28.47 6.87
CA THR A 74 0.19 -27.28 6.73
C THR A 74 0.45 -26.22 7.82
N ASP A 75 1.26 -26.55 8.82
CA ASP A 75 1.31 -25.79 10.10
C ASP A 75 2.69 -25.22 10.32
N PHE A 76 2.81 -23.90 10.16
CA PHE A 76 4.11 -23.23 10.10
C PHE A 76 4.14 -21.99 11.01
N THR A 77 5.31 -21.73 11.59
CA THR A 77 5.46 -20.65 12.53
C THR A 77 6.80 -19.98 12.26
N LEU A 78 6.81 -18.63 12.21
CA LEU A 78 8.02 -17.83 12.26
C LEU A 78 8.10 -17.21 13.65
N ARG A 79 9.23 -17.42 14.33
CA ARG A 79 9.55 -16.76 15.58
C ARG A 79 10.72 -15.80 15.41
N ILE A 80 10.63 -14.67 16.08
CA ILE A 80 11.70 -13.67 16.17
C ILE A 80 11.94 -13.47 17.67
N SER A 81 13.16 -13.79 18.13
CA SER A 81 13.44 -13.94 19.58
C SER A 81 13.57 -12.64 20.38
N ARG A 82 14.07 -11.58 19.72
CA ARG A 82 14.29 -10.26 20.32
C ARG A 82 14.16 -9.23 19.18
N VAL A 83 12.97 -8.67 18.97
CA VAL A 83 12.68 -7.82 17.80
C VAL A 83 13.53 -6.54 17.79
N GLU A 84 14.17 -6.27 16.65
CA GLU A 84 14.90 -5.03 16.42
C GLU A 84 14.16 -4.15 15.43
N ALA A 85 14.57 -2.88 15.32
CA ALA A 85 13.85 -1.93 14.47
C ALA A 85 13.90 -2.38 13.00
N GLU A 86 15.02 -2.98 12.59
CA GLU A 86 15.19 -3.53 11.23
C GLU A 86 14.24 -4.68 10.89
N ASP A 87 13.59 -5.25 11.90
CA ASP A 87 12.67 -6.40 11.72
C ASP A 87 11.27 -5.97 11.36
N LEU A 88 10.97 -4.70 11.56
CA LEU A 88 9.60 -4.22 11.33
C LEU A 88 9.31 -4.17 9.83
N GLY A 89 8.05 -4.45 9.52
CA GLY A 89 7.55 -4.50 8.15
C GLY A 89 6.52 -5.60 8.01
N VAL A 90 6.27 -5.97 6.75
CA VAL A 90 5.25 -6.97 6.43
C VAL A 90 5.90 -8.32 6.11
N TYR A 91 5.47 -9.33 6.89
CA TYR A 91 5.92 -10.72 6.74
C TYR A 91 4.94 -11.54 5.91
N TYR A 92 5.43 -12.23 4.89
CA TYR A 92 4.58 -13.10 4.08
C TYR A 92 5.16 -14.49 4.15
N CYS A 93 4.31 -15.47 4.46
CA CYS A 93 4.60 -16.86 4.09
C CYS A 93 4.21 -17.10 2.64
N PHE A 94 4.82 -18.12 2.07
CA PHE A 94 4.74 -18.39 0.63
C PHE A 94 4.96 -19.88 0.38
N GLN A 95 4.10 -20.47 -0.44
CA GLN A 95 4.28 -21.89 -0.84
C GLN A 95 4.61 -21.94 -2.34
N ALA A 96 5.68 -22.68 -2.65
CA ALA A 96 6.08 -22.91 -4.01
C ALA A 96 6.02 -24.39 -4.41
N SER A 97 5.07 -25.13 -3.84
CA SER A 97 4.91 -26.55 -4.14
C SER A 97 3.84 -26.80 -5.22
N LEU A 98 2.79 -25.99 -5.23
CA LEU A 98 1.63 -26.20 -6.10
C LEU A 98 1.27 -24.92 -6.81
N VAL A 99 0.81 -25.03 -8.04
CA VAL A 99 0.49 -23.86 -8.87
C VAL A 99 -1.03 -23.57 -8.72
N PRO A 100 -1.43 -22.30 -8.47
CA PRO A 100 -0.57 -21.11 -8.36
C PRO A 100 0.24 -21.09 -7.06
N LEU A 101 1.50 -20.64 -7.16
CA LEU A 101 2.25 -20.28 -6.01
C LEU A 101 1.49 -19.16 -5.30
N THR A 102 1.35 -19.30 -3.99
CA THR A 102 0.51 -18.36 -3.21
C THR A 102 1.22 -17.82 -1.97
N PHE A 103 1.00 -16.51 -1.77
CA PHE A 103 1.40 -15.79 -0.55
C PHE A 103 0.27 -15.72 0.48
N GLY A 104 0.64 -15.65 1.78
CA GLY A 104 -0.29 -15.18 2.78
C GLY A 104 -0.61 -13.73 2.51
N ALA A 105 -1.58 -13.21 3.24
CA ALA A 105 -2.06 -11.84 3.09
C ALA A 105 -1.06 -10.77 3.59
N GLY A 106 -0.11 -11.20 4.43
CA GLY A 106 0.87 -10.31 5.00
C GLY A 106 0.52 -10.05 6.45
N THR A 107 1.55 -10.10 7.31
CA THR A 107 1.44 -9.74 8.73
C THR A 107 2.33 -8.52 8.99
N LYS A 108 1.71 -7.44 9.48
CA LYS A 108 2.40 -6.20 9.63
C LYS A 108 2.93 -6.16 11.07
N LEU A 109 4.23 -6.40 11.21
CA LEU A 109 4.95 -6.27 12.49
C LEU A 109 5.29 -4.81 12.63
N GLU A 110 4.69 -4.17 13.63
CA GLU A 110 4.87 -2.73 13.83
C GLU A 110 5.25 -2.41 15.28
N LEU A 111 5.69 -1.16 15.45
CA LEU A 111 6.09 -0.63 16.74
C LEU A 111 4.82 -0.34 17.55
N LYS A 112 4.72 -0.98 18.71
CA LYS A 112 3.61 -0.79 19.60
C LYS A 112 3.73 0.54 20.40
N ARG A 113 2.57 1.05 20.79
CA ARG A 113 2.46 2.18 21.70
C ARG A 113 1.12 2.07 22.40
N ALA A 114 0.90 2.95 23.38
CA ALA A 114 -0.38 3.02 24.10
C ALA A 114 -1.52 3.48 23.17
N ASP A 115 -2.73 3.03 23.47
CA ASP A 115 -3.92 3.52 22.74
C ASP A 115 -4.04 5.03 22.78
N ALA A 116 -4.66 5.57 21.73
CA ALA A 116 -4.81 7.00 21.63
C ALA A 116 -6.08 7.23 20.83
N ALA A 117 -6.92 8.13 21.34
CA ALA A 117 -8.17 8.51 20.67
C ALA A 117 -7.86 9.39 19.46
N PRO A 118 -8.62 9.22 18.36
CA PRO A 118 -8.49 10.15 17.25
C PRO A 118 -9.00 11.53 17.66
N THR A 119 -8.32 12.58 17.21
CA THR A 119 -8.89 13.92 17.20
C THR A 119 -9.59 14.10 15.85
N VAL A 120 -10.90 14.39 15.89
CA VAL A 120 -11.73 14.36 14.70
C VAL A 120 -12.18 15.79 14.35
N SER A 121 -12.05 16.12 13.07
CA SER A 121 -12.44 17.41 12.52
C SER A 121 -13.23 17.20 11.24
N ILE A 122 -14.26 18.00 11.05
CA ILE A 122 -15.15 17.92 9.87
C ILE A 122 -15.17 19.28 9.18
N PHE A 123 -15.25 19.25 7.85
CA PHE A 123 -15.08 20.41 7.00
C PHE A 123 -16.17 20.43 5.93
N PRO A 124 -17.00 21.48 5.96
CA PRO A 124 -17.93 21.73 4.85
C PRO A 124 -17.21 21.98 3.53
N PRO A 125 -17.93 21.88 2.40
CA PRO A 125 -17.41 22.24 1.10
C PRO A 125 -16.93 23.68 1.14
N SER A 126 -15.83 23.92 0.47
CA SER A 126 -15.35 25.28 0.29
C SER A 126 -16.27 26.04 -0.68
N SER A 127 -16.29 27.38 -0.60
CA SER A 127 -17.07 28.21 -1.52
C SER A 127 -16.59 27.99 -2.94
N GLU A 128 -15.27 27.94 -3.11
CA GLU A 128 -14.66 27.69 -4.42
C GLU A 128 -15.17 26.39 -5.03
N GLN A 129 -15.25 25.32 -4.25
CA GLN A 129 -15.71 24.04 -4.80
C GLN A 129 -17.16 24.15 -5.23
N LEU A 130 -17.96 24.77 -4.38
CA LEU A 130 -19.41 24.90 -4.62
C LEU A 130 -19.65 25.66 -5.91
N THR A 131 -18.86 26.72 -6.14
CA THR A 131 -19.06 27.54 -7.34
C THR A 131 -18.76 26.77 -8.64
N SER A 132 -17.93 25.73 -8.55
CA SER A 132 -17.58 24.82 -9.64
C SER A 132 -18.60 23.69 -9.86
N GLY A 133 -19.58 23.58 -8.95
CA GLY A 133 -20.64 22.59 -9.06
C GLY A 133 -20.51 21.34 -8.22
N GLY A 134 -19.42 21.25 -7.47
CA GLY A 134 -19.12 20.14 -6.60
C GLY A 134 -19.29 20.44 -5.14
N ALA A 135 -19.22 19.39 -4.32
CA ALA A 135 -19.31 19.52 -2.89
C ALA A 135 -18.71 18.31 -2.21
N SER A 136 -17.51 18.49 -1.66
CA SER A 136 -16.85 17.44 -0.87
C SER A 136 -16.89 17.82 0.61
N VAL A 137 -17.17 16.84 1.47
CA VAL A 137 -17.16 17.03 2.93
C VAL A 137 -15.98 16.21 3.41
N VAL A 138 -15.10 16.81 4.20
CA VAL A 138 -13.88 16.14 4.66
C VAL A 138 -13.89 15.94 6.16
N CYS A 139 -13.38 14.78 6.57
CA CYS A 139 -13.26 14.45 7.97
C CYS A 139 -11.87 13.93 8.19
N PHE A 140 -11.17 14.54 9.14
CA PHE A 140 -9.81 14.12 9.50
C PHE A 140 -9.92 13.45 10.89
N LEU A 141 -9.23 12.32 11.03
CA LEU A 141 -9.15 11.58 12.25
C LEU A 141 -7.67 11.38 12.53
N ASN A 142 -7.13 12.19 13.46
CA ASN A 142 -5.68 12.31 13.62
C ASN A 142 -5.13 11.77 14.95
N ASN A 143 -3.93 11.18 14.85
CA ASN A 143 -3.11 10.76 15.96
C ASN A 143 -3.79 9.72 16.82
N PHE A 144 -4.24 8.64 16.20
CA PHE A 144 -4.86 7.53 16.95
C PHE A 144 -4.07 6.25 16.91
N TYR A 145 -4.40 5.37 17.84
CA TYR A 145 -3.75 4.06 17.92
C TYR A 145 -4.66 3.16 18.77
N PRO A 146 -4.86 1.89 18.34
CA PRO A 146 -4.31 1.27 17.14
C PRO A 146 -4.98 1.71 15.86
N LYS A 147 -4.51 1.13 14.76
CA LYS A 147 -4.90 1.53 13.40
C LYS A 147 -6.37 1.24 13.10
N ASP A 148 -6.91 0.18 13.69
CA ASP A 148 -8.32 -0.23 13.49
C ASP A 148 -9.29 0.87 13.91
N ILE A 149 -10.12 1.29 12.96
CA ILE A 149 -11.08 2.36 13.19
C ILE A 149 -12.17 2.23 12.11
N ASN A 150 -13.39 2.64 12.47
CA ASN A 150 -14.54 2.61 11.55
C ASN A 150 -15.04 4.04 11.42
N VAL A 151 -15.18 4.53 10.20
CA VAL A 151 -15.70 5.87 9.97
C VAL A 151 -17.01 5.70 9.19
N LYS A 152 -18.07 6.36 9.67
CA LYS A 152 -19.36 6.32 9.03
C LYS A 152 -19.81 7.78 8.80
N TRP A 153 -20.28 8.01 7.57
CA TRP A 153 -20.89 9.25 7.15
C TRP A 153 -22.39 9.11 7.25
N LYS A 154 -23.04 10.14 7.74
CA LYS A 154 -24.48 10.25 7.62
C LYS A 154 -24.83 11.64 7.09
N ILE A 155 -25.87 11.70 6.26
CA ILE A 155 -26.47 12.97 5.81
C ILE A 155 -27.95 12.94 6.21
N ASP A 156 -28.36 13.97 6.94
CA ASP A 156 -29.67 14.02 7.58
C ASP A 156 -30.07 12.70 8.25
N GLY A 157 -29.12 12.15 8.99
CA GLY A 157 -29.37 10.98 9.81
C GLY A 157 -29.29 9.66 9.07
N SER A 158 -29.05 9.68 7.77
CA SER A 158 -28.97 8.44 6.95
C SER A 158 -27.53 8.14 6.50
N GLU A 159 -27.08 6.89 6.71
CA GLU A 159 -25.71 6.53 6.39
C GLU A 159 -25.44 6.61 4.88
N ARG A 160 -24.32 7.22 4.51
CA ARG A 160 -23.87 7.25 3.12
C ARG A 160 -22.61 6.40 3.00
N GLN A 161 -22.68 5.35 2.19
CA GLN A 161 -21.52 4.48 1.92
C GLN A 161 -20.85 4.81 0.59
N ASN A 162 -21.57 5.46 -0.32
CA ASN A 162 -21.02 5.75 -1.64
C ASN A 162 -20.48 7.19 -1.77
N GLY A 163 -19.52 7.35 -2.68
CA GLY A 163 -18.87 8.64 -2.91
C GLY A 163 -17.77 8.98 -1.90
N VAL A 164 -17.32 7.97 -1.17
CA VAL A 164 -16.31 8.13 -0.10
C VAL A 164 -14.89 7.80 -0.62
N LEU A 165 -13.92 8.59 -0.19
CA LEU A 165 -12.52 8.34 -0.48
C LEU A 165 -11.77 8.42 0.84
N ASN A 166 -11.16 7.31 1.22
CA ASN A 166 -10.37 7.26 2.44
C ASN A 166 -8.89 7.08 2.14
N SER A 167 -8.08 7.65 3.01
CA SER A 167 -6.63 7.49 2.98
C SER A 167 -6.09 7.47 4.41
N TRP A 168 -5.03 6.69 4.61
CA TRP A 168 -4.38 6.55 5.93
C TRP A 168 -2.88 6.90 5.80
N THR A 169 -2.34 7.61 6.78
CA THR A 169 -0.90 7.79 6.86
C THR A 169 -0.27 6.48 7.33
N ASP A 170 1.01 6.31 6.97
CA ASP A 170 1.89 5.36 7.60
C ASP A 170 2.05 5.74 9.07
N GLN A 171 2.38 4.77 9.89
CA GLN A 171 2.66 5.04 11.29
C GLN A 171 3.68 6.20 11.46
N ASP A 172 3.34 7.18 12.29
CA ASP A 172 4.23 8.33 12.52
C ASP A 172 5.61 7.83 13.02
N SER A 173 6.69 8.39 12.47
CA SER A 173 8.02 7.88 12.80
C SER A 173 8.49 8.32 14.18
N LYS A 174 7.79 9.28 14.79
CA LYS A 174 8.16 9.80 16.11
C LYS A 174 7.22 9.29 17.19
N ASP A 175 5.91 9.50 17.00
CA ASP A 175 4.93 9.16 18.03
C ASP A 175 4.15 7.86 17.80
N SER A 176 4.40 7.19 16.66
CA SER A 176 3.88 5.85 16.42
C SER A 176 2.36 5.79 16.17
N THR A 177 1.71 6.95 16.02
CA THR A 177 0.28 7.01 15.79
C THR A 177 -0.07 6.93 14.32
N TYR A 178 -1.35 6.74 14.08
CA TYR A 178 -1.94 6.78 12.75
C TYR A 178 -2.86 7.98 12.61
N SER A 179 -3.07 8.39 11.36
CA SER A 179 -4.09 9.35 11.01
C SER A 179 -4.87 8.86 9.77
N MET A 180 -6.11 9.37 9.64
CA MET A 180 -6.95 9.05 8.49
C MET A 180 -7.68 10.28 7.97
N SER A 181 -7.91 10.31 6.67
CA SER A 181 -8.72 11.33 6.01
C SER A 181 -9.83 10.63 5.25
N SER A 182 -11.05 11.12 5.37
CA SER A 182 -12.19 10.56 4.61
C SER A 182 -12.91 11.74 3.90
N THR A 183 -13.16 11.58 2.60
CA THR A 183 -13.82 12.61 1.81
C THR A 183 -15.09 12.02 1.19
N LEU A 184 -16.23 12.63 1.48
CA LEU A 184 -17.51 12.32 0.84
C LEU A 184 -17.79 13.37 -0.22
N THR A 185 -17.87 12.95 -1.49
CA THR A 185 -18.04 13.93 -2.58
C THR A 185 -19.44 13.81 -3.18
N LEU A 186 -20.14 14.95 -3.24
CA LEU A 186 -21.49 15.06 -3.75
C LEU A 186 -21.48 16.11 -4.84
N THR A 187 -22.60 16.28 -5.53
CA THR A 187 -22.77 17.49 -6.34
C THR A 187 -23.17 18.67 -5.44
N LYS A 188 -22.99 19.89 -5.94
CA LYS A 188 -23.52 21.08 -5.25
C LYS A 188 -25.03 20.92 -5.06
N ASP A 189 -25.72 20.46 -6.11
CA ASP A 189 -27.18 20.32 -6.04
C ASP A 189 -27.63 19.38 -4.92
N GLU A 190 -26.96 18.22 -4.81
CA GLU A 190 -27.25 17.32 -3.70
C GLU A 190 -26.94 17.95 -2.31
N TYR A 191 -25.79 18.60 -2.19
CA TYR A 191 -25.37 19.25 -0.94
C TYR A 191 -26.42 20.26 -0.44
N GLU A 192 -26.91 21.05 -1.37
CA GLU A 192 -27.91 22.07 -1.05
C GLU A 192 -29.32 21.51 -0.71
N ARG A 193 -29.60 20.24 -1.07
CA ARG A 193 -30.85 19.57 -0.68
C ARG A 193 -30.91 19.10 0.78
N HIS A 194 -29.74 18.89 1.39
CA HIS A 194 -29.65 18.32 2.76
C HIS A 194 -29.13 19.31 3.82
N ASN A 195 -29.33 18.97 5.09
CA ASN A 195 -29.12 19.90 6.18
C ASN A 195 -27.95 19.50 7.04
N SER A 196 -28.00 18.30 7.64
CA SER A 196 -27.01 17.90 8.64
C SER A 196 -26.01 16.91 8.03
N TYR A 197 -24.74 17.11 8.38
CA TYR A 197 -23.65 16.30 7.87
C TYR A 197 -22.82 15.85 9.03
N THR A 198 -22.60 14.54 9.09
CA THR A 198 -22.00 13.89 10.25
C THR A 198 -20.92 12.88 9.84
N CYS A 199 -19.78 12.98 10.55
CA CYS A 199 -18.67 12.04 10.53
C CYS A 199 -18.66 11.37 11.89
N GLU A 200 -18.77 10.05 11.91
CA GLU A 200 -18.85 9.27 13.15
C GLU A 200 -17.74 8.21 13.15
N ALA A 201 -16.95 8.21 14.22
CA ALA A 201 -15.77 7.35 14.33
C ALA A 201 -15.95 6.37 15.48
N THR A 202 -15.80 5.09 15.20
CA THR A 202 -15.82 4.08 16.26
C THR A 202 -14.41 3.54 16.45
N HIS A 203 -13.89 3.71 17.66
CA HIS A 203 -12.52 3.34 17.98
C HIS A 203 -12.51 2.75 19.41
N LYS A 204 -11.56 1.87 19.71
CA LYS A 204 -11.55 1.28 21.06
C LYS A 204 -11.30 2.26 22.24
N THR A 205 -10.83 3.49 21.97
CA THR A 205 -10.55 4.47 23.04
C THR A 205 -11.77 5.26 23.59
N SER A 206 -12.97 5.02 23.02
CA SER A 206 -14.21 5.68 23.41
C SER A 206 -15.30 4.62 23.49
N THR A 207 -16.10 4.71 24.55
CA THR A 207 -17.17 3.76 24.83
C THR A 207 -18.37 4.11 23.93
N SER A 208 -18.35 5.32 23.40
CA SER A 208 -19.35 5.79 22.45
C SER A 208 -18.66 6.34 21.18
N PRO A 209 -19.36 6.30 20.04
CA PRO A 209 -18.65 6.82 18.86
C PRO A 209 -18.37 8.34 18.98
N ILE A 210 -17.24 8.77 18.42
CA ILE A 210 -16.87 10.17 18.37
C ILE A 210 -17.59 10.77 17.16
N VAL A 211 -18.44 11.76 17.41
CA VAL A 211 -19.29 12.37 16.38
C VAL A 211 -18.93 13.82 16.15
N LYS A 212 -18.64 14.19 14.91
CA LYS A 212 -18.54 15.60 14.52
C LYS A 212 -19.56 15.88 13.41
N SER A 213 -20.30 16.97 13.57
CA SER A 213 -21.37 17.33 12.61
C SER A 213 -21.44 18.84 12.39
N PHE A 214 -22.11 19.22 11.31
CA PHE A 214 -22.46 20.59 11.06
C PHE A 214 -23.76 20.65 10.26
N ASN A 215 -24.40 21.82 10.27
CA ASN A 215 -25.55 22.06 9.44
C ASN A 215 -25.17 22.98 8.29
N ARG A 216 -25.58 22.62 7.07
CA ARG A 216 -25.20 23.40 5.90
C ARG A 216 -25.45 24.91 6.11
N ASN A 217 -26.57 25.22 6.75
CA ASN A 217 -26.96 26.62 6.93
C ASN A 217 -26.34 27.38 8.13
N GLU A 218 -25.41 26.77 8.88
CA GLU A 218 -24.76 27.55 9.97
C GLU A 218 -23.69 28.57 9.49
N VAL B 2 24.99 -9.76 -7.74
CA VAL B 2 23.72 -10.03 -8.46
C VAL B 2 22.73 -8.85 -8.30
N THR B 3 22.33 -8.25 -9.43
CA THR B 3 21.29 -7.22 -9.43
C THR B 3 20.21 -7.54 -10.47
N LEU B 4 18.98 -7.11 -10.16
CA LEU B 4 17.84 -7.21 -11.05
C LEU B 4 17.25 -5.84 -11.24
N LYS B 5 16.93 -5.51 -12.48
CA LYS B 5 16.38 -4.19 -12.79
C LYS B 5 15.16 -4.37 -13.68
N GLU B 6 13.99 -3.99 -13.17
CA GLU B 6 12.74 -4.00 -13.97
C GLU B 6 12.56 -2.69 -14.76
N SER B 7 12.00 -2.78 -15.95
CA SER B 7 11.60 -1.60 -16.66
C SER B 7 10.17 -1.80 -17.18
N GLY B 8 9.47 -0.69 -17.25
CA GLY B 8 8.08 -0.67 -17.64
C GLY B 8 7.67 0.77 -17.90
N PRO B 9 6.48 0.97 -18.48
CA PRO B 9 6.02 2.29 -19.01
C PRO B 9 5.60 3.34 -17.99
N GLY B 10 5.32 2.94 -16.76
CA GLY B 10 4.90 3.88 -15.71
C GLY B 10 3.41 4.12 -15.69
N LEU B 11 2.88 4.59 -16.83
CA LEU B 11 1.44 4.84 -17.04
C LEU B 11 0.93 4.14 -18.33
N LEU B 12 -0.28 3.63 -18.26
CA LEU B 12 -0.98 3.09 -19.45
C LEU B 12 -2.44 3.41 -19.34
N LYS B 13 -3.08 3.44 -20.49
CA LYS B 13 -4.54 3.56 -20.53
C LYS B 13 -5.23 2.18 -20.52
N PRO B 14 -6.44 2.07 -19.96
CA PRO B 14 -7.14 0.78 -20.03
C PRO B 14 -7.22 0.24 -21.49
N SER B 15 -7.06 -1.07 -21.60
CA SER B 15 -7.03 -1.87 -22.84
C SER B 15 -5.66 -2.00 -23.50
N GLN B 16 -4.70 -1.18 -23.10
CA GLN B 16 -3.33 -1.35 -23.63
C GLN B 16 -2.64 -2.61 -23.10
N THR B 17 -1.57 -2.99 -23.79
CA THR B 17 -0.76 -4.09 -23.36
C THR B 17 0.46 -3.60 -22.59
N LEU B 18 0.65 -4.16 -21.40
CA LEU B 18 1.84 -3.90 -20.59
C LEU B 18 3.01 -4.77 -21.07
N SER B 19 4.17 -4.15 -21.35
CA SER B 19 5.38 -4.89 -21.63
C SER B 19 6.42 -4.52 -20.57
N LEU B 20 6.82 -5.52 -19.81
CA LEU B 20 7.84 -5.39 -18.78
C LEU B 20 9.12 -6.11 -19.21
N THR B 21 10.25 -5.63 -18.71
CA THR B 21 11.55 -6.27 -18.92
C THR B 21 12.23 -6.37 -17.56
N CYS B 22 12.91 -7.47 -17.33
CA CYS B 22 13.79 -7.58 -16.22
C CYS B 22 15.20 -7.89 -16.75
N SER B 23 16.15 -7.07 -16.35
CA SER B 23 17.53 -7.23 -16.79
C SER B 23 18.40 -7.66 -15.62
N PHE B 24 19.30 -8.64 -15.86
CA PHE B 24 20.13 -9.21 -14.78
C PHE B 24 21.61 -8.84 -14.94
N SER B 25 22.27 -8.60 -13.82
CA SER B 25 23.72 -8.37 -13.77
C SER B 25 24.36 -9.21 -12.69
N GLY B 26 25.67 -9.41 -12.83
CA GLY B 26 26.42 -10.15 -11.80
C GLY B 26 26.41 -11.65 -12.02
N PHE B 27 25.68 -12.13 -13.01
CA PHE B 27 25.65 -13.56 -13.34
C PHE B 27 24.94 -13.77 -14.68
N SER B 28 24.94 -15.01 -15.13
CA SER B 28 24.45 -15.36 -16.45
C SER B 28 23.22 -16.25 -16.34
N ILE B 29 22.13 -15.86 -16.99
CA ILE B 29 20.94 -16.69 -17.01
C ILE B 29 21.28 -18.05 -17.66
N ARG B 30 21.95 -17.99 -18.81
CA ARG B 30 22.42 -19.20 -19.50
C ARG B 30 23.17 -20.20 -18.59
N THR B 31 24.26 -19.76 -17.96
CA THR B 31 25.08 -20.65 -17.16
C THR B 31 24.36 -21.14 -15.89
N SER B 32 23.65 -20.25 -15.23
CA SER B 32 23.09 -20.54 -13.91
C SER B 32 21.83 -21.40 -13.97
N LYS B 33 21.05 -21.27 -15.04
CA LYS B 33 19.82 -22.04 -15.20
C LYS B 33 18.80 -21.74 -14.09
N VAL B 34 18.89 -20.55 -13.49
CA VAL B 34 17.89 -20.13 -12.51
C VAL B 34 16.56 -19.85 -13.20
N GLY B 35 15.47 -20.19 -12.49
CA GLY B 35 14.14 -19.80 -12.90
C GLY B 35 13.87 -18.35 -12.50
N VAL B 36 12.91 -17.71 -13.19
CA VAL B 36 12.60 -16.28 -12.95
C VAL B 36 11.08 -16.10 -12.89
N SER B 37 10.59 -15.40 -11.88
CA SER B 37 9.17 -15.11 -11.76
C SER B 37 8.91 -13.61 -11.81
N TRP B 38 7.67 -13.29 -12.17
CA TRP B 38 7.08 -11.98 -11.93
C TRP B 38 6.03 -12.11 -10.82
N ILE B 39 6.10 -11.16 -9.89
CA ILE B 39 5.20 -11.03 -8.76
C ILE B 39 4.74 -9.57 -8.74
N ARG B 40 3.49 -9.33 -8.38
CA ARG B 40 3.02 -7.94 -8.27
C ARG B 40 2.39 -7.63 -6.93
N GLN B 41 2.31 -6.34 -6.64
CA GLN B 41 1.71 -5.84 -5.41
C GLN B 41 0.73 -4.75 -5.78
N PRO B 42 -0.57 -5.13 -5.95
CA PRO B 42 -1.58 -4.16 -6.31
C PRO B 42 -1.74 -3.14 -5.20
N SER B 43 -2.33 -2.00 -5.56
CA SER B 43 -2.52 -0.91 -4.60
C SER B 43 -3.17 -1.40 -3.34
N GLY B 44 -2.50 -1.17 -2.21
CA GLY B 44 -3.04 -1.52 -0.89
C GLY B 44 -3.18 -3.01 -0.58
N LYS B 45 -2.63 -3.87 -1.45
CA LYS B 45 -2.67 -5.32 -1.19
C LYS B 45 -1.25 -5.91 -0.96
N GLY B 46 -1.22 -7.20 -0.69
CA GLY B 46 0.01 -7.92 -0.56
C GLY B 46 0.54 -8.40 -1.91
N LEU B 47 1.41 -9.40 -1.86
CA LEU B 47 2.08 -9.92 -3.05
C LEU B 47 1.25 -11.01 -3.72
N GLU B 48 1.35 -11.05 -5.05
CA GLU B 48 0.66 -11.97 -5.88
C GLU B 48 1.64 -12.48 -6.93
N TRP B 49 1.81 -13.81 -7.02
CA TRP B 49 2.67 -14.40 -8.04
C TRP B 49 1.89 -14.45 -9.35
N LEU B 50 2.55 -14.06 -10.42
CA LEU B 50 1.94 -14.07 -11.73
C LEU B 50 2.37 -15.21 -12.67
N ALA B 51 3.69 -15.39 -12.81
CA ALA B 51 4.30 -16.22 -13.85
C ALA B 51 5.75 -16.57 -13.56
N HIS B 52 6.19 -17.69 -14.13
CA HIS B 52 7.54 -18.19 -13.93
C HIS B 52 8.02 -18.81 -15.21
N ILE B 53 9.29 -18.62 -15.48
CA ILE B 53 9.92 -19.22 -16.65
C ILE B 53 11.23 -19.89 -16.24
N TYR B 54 11.37 -21.12 -16.71
CA TYR B 54 12.50 -21.99 -16.40
C TYR B 54 13.56 -21.81 -17.50
N TRP B 55 14.74 -22.36 -17.28
CA TRP B 55 15.92 -22.10 -18.13
C TRP B 55 15.67 -22.60 -19.57
N ASP B 56 14.88 -23.67 -19.70
CA ASP B 56 14.49 -24.25 -21.00
C ASP B 56 13.20 -23.71 -21.59
N ASP B 57 12.73 -22.56 -21.08
CA ASP B 57 11.56 -21.81 -21.61
C ASP B 57 10.19 -22.42 -21.30
N ASP B 58 10.19 -23.47 -20.49
CA ASP B 58 8.98 -23.97 -19.83
C ASP B 58 8.45 -22.85 -18.94
N LYS B 59 7.13 -22.78 -18.80
CA LYS B 59 6.46 -21.65 -18.16
C LYS B 59 5.32 -22.15 -17.29
N ARG B 60 5.05 -21.41 -16.21
CA ARG B 60 3.85 -21.66 -15.39
C ARG B 60 3.22 -20.30 -15.06
N TYR B 61 1.90 -20.29 -14.96
CA TYR B 61 1.13 -19.08 -14.68
C TYR B 61 0.15 -19.24 -13.52
N ASN B 62 -0.18 -18.10 -12.92
CA ASN B 62 -1.30 -18.02 -11.97
C ASN B 62 -2.61 -18.08 -12.79
N PRO B 63 -3.40 -19.17 -12.64
CA PRO B 63 -4.68 -19.28 -13.36
C PRO B 63 -5.61 -18.04 -13.27
N SER B 64 -5.50 -17.27 -12.19
CA SER B 64 -6.38 -16.15 -11.96
C SER B 64 -6.14 -15.07 -13.02
N LEU B 65 -4.92 -15.02 -13.59
CA LEU B 65 -4.57 -14.02 -14.61
C LEU B 65 -4.00 -14.60 -15.91
N GLU B 66 -3.85 -15.90 -15.93
CA GLU B 66 -3.05 -16.60 -16.94
C GLU B 66 -3.45 -16.24 -18.37
N SER B 67 -4.74 -16.12 -18.62
CA SER B 67 -5.22 -15.87 -19.97
C SER B 67 -4.68 -14.54 -20.55
N ARG B 68 -4.29 -13.62 -19.67
CA ARG B 68 -3.81 -12.30 -20.07
C ARG B 68 -2.27 -12.18 -20.09
N LEU B 69 -1.59 -13.22 -19.57
CA LEU B 69 -0.14 -13.21 -19.36
C LEU B 69 0.66 -13.99 -20.42
N THR B 70 1.84 -13.45 -20.80
CA THR B 70 2.83 -14.15 -21.64
C THR B 70 4.23 -13.79 -21.10
N ILE B 71 4.93 -14.80 -20.56
CA ILE B 71 6.29 -14.63 -20.06
C ILE B 71 7.22 -15.20 -21.13
N SER B 72 8.39 -14.59 -21.27
CA SER B 72 9.41 -15.02 -22.23
C SER B 72 10.81 -14.62 -21.73
N LYS B 73 11.85 -15.07 -22.43
CA LYS B 73 13.22 -14.78 -22.00
C LYS B 73 14.13 -14.71 -23.23
N ASP B 74 15.23 -13.98 -23.04
CA ASP B 74 16.25 -13.84 -24.05
C ASP B 74 17.57 -14.04 -23.33
N THR B 75 18.09 -15.25 -23.45
CA THR B 75 19.32 -15.64 -22.80
C THR B 75 20.54 -14.86 -23.36
N SER B 76 20.55 -14.53 -24.66
CA SER B 76 21.64 -13.75 -25.25
C SER B 76 21.71 -12.32 -24.65
N ARG B 77 20.56 -11.79 -24.25
CA ARG B 77 20.45 -10.44 -23.65
C ARG B 77 20.40 -10.47 -22.12
N ASP B 78 20.32 -11.67 -21.52
CA ASP B 78 20.24 -11.78 -20.07
C ASP B 78 18.98 -11.03 -19.58
N MET B 79 17.86 -11.25 -20.26
CA MET B 79 16.59 -10.56 -19.88
C MET B 79 15.42 -11.53 -19.89
N VAL B 80 14.44 -11.20 -19.06
CA VAL B 80 13.15 -11.92 -18.98
C VAL B 80 12.08 -10.85 -19.17
N PHE B 81 11.00 -11.23 -19.85
CA PHE B 81 9.93 -10.33 -20.19
C PHE B 81 8.57 -10.84 -19.70
N MET B 82 7.65 -9.89 -19.53
CA MET B 82 6.22 -10.15 -19.28
C MET B 82 5.36 -9.20 -20.12
N LYS B 83 4.34 -9.78 -20.77
CA LYS B 83 3.26 -9.04 -21.43
C LYS B 83 1.97 -9.34 -20.68
N ILE B 84 1.21 -8.29 -20.37
CA ILE B 84 -0.15 -8.40 -19.82
C ILE B 84 -1.08 -7.60 -20.71
N THR B 85 -1.99 -8.32 -21.36
CA THR B 85 -2.95 -7.70 -22.26
C THR B 85 -4.14 -7.10 -21.50
N SER B 86 -4.79 -6.15 -22.16
CA SER B 86 -6.07 -5.57 -21.72
C SER B 86 -6.01 -5.04 -20.31
N VAL B 87 -5.02 -4.20 -20.05
CA VAL B 87 -4.84 -3.61 -18.72
C VAL B 87 -6.09 -2.81 -18.33
N ASP B 88 -6.40 -2.84 -17.04
CA ASP B 88 -7.45 -2.02 -16.47
C ASP B 88 -6.95 -1.50 -15.11
N THR B 89 -7.81 -0.74 -14.45
CA THR B 89 -7.50 -0.09 -13.19
C THR B 89 -6.82 -1.02 -12.20
N ALA B 90 -7.29 -2.26 -12.10
CA ALA B 90 -6.77 -3.20 -11.08
C ALA B 90 -5.33 -3.70 -11.31
N ASP B 91 -4.80 -3.44 -12.50
CA ASP B 91 -3.38 -3.73 -12.80
C ASP B 91 -2.41 -2.68 -12.26
N THR B 92 -2.98 -1.62 -11.67
CA THR B 92 -2.20 -0.59 -10.99
C THR B 92 -1.51 -1.26 -9.79
N ALA B 93 -0.19 -1.34 -9.89
CA ALA B 93 0.60 -2.14 -8.96
C ALA B 93 2.10 -1.88 -9.17
N THR B 94 2.89 -2.38 -8.21
CA THR B 94 4.32 -2.56 -8.36
C THR B 94 4.56 -3.96 -8.90
N TYR B 95 5.42 -4.02 -9.92
CA TYR B 95 5.78 -5.26 -10.60
C TYR B 95 7.22 -5.60 -10.26
N TYR B 96 7.42 -6.74 -9.63
CA TYR B 96 8.71 -7.25 -9.24
C TYR B 96 9.17 -8.41 -10.11
N CYS B 97 10.44 -8.34 -10.49
CA CYS B 97 11.20 -9.44 -11.02
C CYS B 97 11.84 -10.15 -9.81
N ALA B 98 11.76 -11.48 -9.73
CA ALA B 98 12.38 -12.26 -8.63
C ALA B 98 13.08 -13.51 -9.21
N ARG B 99 14.35 -13.65 -8.86
CA ARG B 99 15.17 -14.77 -9.28
C ARG B 99 14.95 -15.96 -8.35
N ARG B 100 14.76 -17.13 -8.92
CA ARG B 100 14.60 -18.33 -8.14
C ARG B 100 15.99 -18.99 -8.04
N GLY B 101 16.89 -18.37 -7.29
CA GLY B 101 18.26 -18.87 -7.17
C GLY B 101 18.29 -20.11 -6.32
N PHE B 102 19.45 -20.72 -6.22
CA PHE B 102 19.57 -21.94 -5.44
C PHE B 102 20.94 -22.04 -4.89
N TYR B 103 20.96 -22.86 -3.87
CA TYR B 103 22.13 -23.23 -3.13
C TYR B 103 23.01 -24.13 -4.01
N GLY B 104 24.15 -23.60 -4.45
CA GLY B 104 25.24 -24.36 -5.08
C GLY B 104 24.96 -24.97 -6.43
N ARG B 105 25.00 -26.31 -6.52
CA ARG B 105 24.43 -27.00 -7.69
C ARG B 105 23.20 -27.81 -7.26
N LYS B 106 22.59 -27.42 -6.13
CA LYS B 106 21.39 -28.11 -5.67
C LYS B 106 20.18 -27.40 -6.24
N TYR B 107 19.88 -27.73 -7.49
CA TYR B 107 18.77 -27.10 -8.22
C TYR B 107 17.44 -27.16 -7.49
N GLU B 108 17.24 -28.22 -6.68
CA GLU B 108 15.97 -28.44 -6.03
C GLU B 108 15.81 -27.58 -4.75
N VAL B 109 16.91 -27.02 -4.25
CA VAL B 109 16.91 -26.17 -3.07
C VAL B 109 16.90 -24.69 -3.54
N ASN B 110 15.77 -24.31 -4.13
CA ASN B 110 15.62 -23.01 -4.80
C ASN B 110 14.55 -22.20 -4.10
N HIS B 111 14.65 -20.89 -4.30
CA HIS B 111 13.86 -19.90 -3.57
C HIS B 111 14.14 -18.53 -4.17
N PHE B 112 13.27 -17.55 -3.89
CA PHE B 112 13.46 -16.19 -4.45
C PHE B 112 14.52 -15.45 -3.65
N ASP B 113 15.76 -15.55 -4.12
CA ASP B 113 16.93 -15.03 -3.36
C ASP B 113 17.24 -13.57 -3.70
N TYR B 114 16.84 -13.14 -4.87
CA TYR B 114 16.98 -11.75 -5.25
C TYR B 114 15.71 -11.20 -5.88
N TRP B 115 15.37 -9.97 -5.49
CA TRP B 115 14.22 -9.23 -6.01
C TRP B 115 14.66 -7.84 -6.55
N GLY B 116 14.05 -7.36 -7.62
CA GLY B 116 14.37 -6.03 -8.10
C GLY B 116 13.71 -5.00 -7.20
N GLN B 117 13.97 -3.72 -7.49
CA GLN B 117 13.34 -2.60 -6.80
C GLN B 117 11.87 -2.51 -7.22
N GLY B 118 11.56 -3.09 -8.38
CA GLY B 118 10.19 -3.12 -8.93
C GLY B 118 9.98 -1.96 -9.88
N THR B 119 8.91 -2.05 -10.65
CA THR B 119 8.46 -0.95 -11.51
C THR B 119 6.99 -0.72 -11.24
N THR B 120 6.62 0.54 -11.06
CA THR B 120 5.25 0.86 -10.70
C THR B 120 4.50 1.21 -11.98
N LEU B 121 3.28 0.73 -12.10
CA LEU B 121 2.41 1.02 -13.20
C LEU B 121 1.14 1.62 -12.60
N THR B 122 0.64 2.69 -13.24
CA THR B 122 -0.68 3.22 -12.93
C THR B 122 -1.50 3.14 -14.21
N VAL B 123 -2.67 2.55 -14.13
CA VAL B 123 -3.54 2.43 -15.29
C VAL B 123 -4.72 3.44 -15.15
N SER B 124 -4.83 4.35 -16.12
CA SER B 124 -5.86 5.41 -16.10
C SER B 124 -6.14 5.94 -17.52
N SER B 125 -7.40 6.30 -17.76
CA SER B 125 -7.83 6.93 -19.02
C SER B 125 -7.49 8.41 -19.10
N ALA B 126 -7.06 8.97 -17.98
CA ALA B 126 -6.89 10.41 -17.84
C ALA B 126 -5.69 10.91 -18.61
N LYS B 127 -5.85 12.09 -19.20
CA LYS B 127 -4.74 12.89 -19.68
C LYS B 127 -4.25 13.70 -18.50
N THR B 128 -3.11 14.38 -18.69
CA THR B 128 -2.57 15.26 -17.65
C THR B 128 -3.63 16.25 -17.24
N THR B 129 -3.92 16.27 -15.94
CA THR B 129 -4.97 17.11 -15.39
C THR B 129 -4.48 17.85 -14.14
N ALA B 130 -4.61 19.18 -14.15
CA ALA B 130 -4.30 20.04 -12.99
C ALA B 130 -5.29 19.78 -11.84
N PRO B 131 -4.80 19.80 -10.58
CA PRO B 131 -5.76 19.65 -9.50
C PRO B 131 -6.58 20.91 -9.31
N SER B 132 -7.73 20.75 -8.68
CA SER B 132 -8.38 21.86 -8.02
C SER B 132 -7.89 21.80 -6.59
N VAL B 133 -7.59 22.96 -6.03
CA VAL B 133 -7.12 23.04 -4.65
C VAL B 133 -8.06 23.88 -3.81
N TYR B 134 -8.66 23.24 -2.80
CA TYR B 134 -9.69 23.88 -1.99
C TYR B 134 -9.25 24.04 -0.54
N PRO B 135 -9.47 25.23 0.03
CA PRO B 135 -9.16 25.48 1.44
C PRO B 135 -10.24 24.87 2.33
N LEU B 136 -9.81 24.23 3.41
CA LEU B 136 -10.73 23.64 4.40
C LEU B 136 -10.58 24.40 5.72
N ALA B 137 -11.54 25.27 5.98
CA ALA B 137 -11.57 26.01 7.23
C ALA B 137 -12.67 25.39 8.11
N PRO B 138 -12.59 25.60 9.45
CA PRO B 138 -13.58 24.92 10.28
C PRO B 138 -15.01 25.41 10.09
N THR B 144 -13.64 27.67 18.76
CA THR B 144 -13.86 27.96 20.18
C THR B 144 -12.70 27.53 21.10
N GLY B 145 -12.17 26.31 20.87
CA GLY B 145 -11.15 25.67 21.75
C GLY B 145 -9.73 26.21 21.63
N SER B 146 -8.76 25.49 22.17
CA SER B 146 -7.35 25.99 22.25
C SER B 146 -6.55 25.78 20.96
N SER B 147 -7.01 24.86 20.15
CA SER B 147 -6.40 24.63 18.86
C SER B 147 -7.44 24.65 17.77
N VAL B 148 -6.96 24.83 16.56
CA VAL B 148 -7.80 24.75 15.38
C VAL B 148 -7.09 23.87 14.34
N THR B 149 -7.89 23.05 13.67
CA THR B 149 -7.38 22.20 12.59
C THR B 149 -7.93 22.67 11.25
N LEU B 150 -7.01 22.87 10.31
CA LEU B 150 -7.33 23.39 9.00
C LEU B 150 -6.93 22.32 8.01
N GLY B 151 -7.39 22.48 6.78
CA GLY B 151 -6.96 21.54 5.77
C GLY B 151 -6.99 22.06 4.35
N CYS B 152 -6.55 21.17 3.49
CA CYS B 152 -6.35 21.47 2.09
C CYS B 152 -6.73 20.21 1.34
N LEU B 153 -7.63 20.37 0.39
CA LEU B 153 -8.10 19.28 -0.48
C LEU B 153 -7.58 19.53 -1.90
N VAL B 154 -6.88 18.53 -2.45
CA VAL B 154 -6.23 18.64 -3.75
C VAL B 154 -6.86 17.55 -4.59
N LYS B 155 -7.79 17.96 -5.45
CA LYS B 155 -8.75 17.03 -6.04
C LYS B 155 -8.60 16.96 -7.57
N GLY B 156 -8.66 15.73 -8.10
CA GLY B 156 -8.88 15.50 -9.53
C GLY B 156 -7.69 15.77 -10.41
N TYR B 157 -6.53 15.30 -9.99
CA TYR B 157 -5.31 15.48 -10.79
C TYR B 157 -4.77 14.18 -11.38
N PHE B 158 -3.96 14.35 -12.42
CA PHE B 158 -3.18 13.24 -13.00
C PHE B 158 -1.98 13.77 -13.77
N PRO B 159 -0.83 13.09 -13.68
CA PRO B 159 -0.53 11.93 -12.83
C PRO B 159 0.03 12.38 -11.49
N GLU B 160 0.50 11.45 -10.68
CA GLU B 160 1.37 11.79 -9.55
C GLU B 160 2.71 12.38 -10.05
N PRO B 161 3.42 13.13 -9.18
CA PRO B 161 3.03 13.51 -7.85
C PRO B 161 2.48 14.93 -7.79
N VAL B 162 1.89 15.26 -6.65
CA VAL B 162 1.82 16.65 -6.26
C VAL B 162 2.76 16.91 -5.06
N THR B 163 3.13 18.17 -4.87
CA THR B 163 3.85 18.58 -3.67
C THR B 163 2.96 19.55 -2.88
N LEU B 164 2.88 19.34 -1.58
CA LEU B 164 2.10 20.20 -0.72
C LEU B 164 2.93 20.61 0.46
N THR B 165 2.96 21.92 0.70
CA THR B 165 3.57 22.48 1.90
C THR B 165 2.60 23.51 2.53
N TRP B 166 2.91 23.85 3.78
CA TRP B 166 2.15 24.81 4.58
C TRP B 166 3.08 25.97 4.93
N ASN B 167 2.64 27.18 4.61
CA ASN B 167 3.43 28.38 4.75
C ASN B 167 4.86 28.21 4.19
N SER B 168 4.92 27.67 2.97
CA SER B 168 6.18 27.47 2.21
C SER B 168 7.19 26.57 2.93
N GLY B 169 6.66 25.63 3.71
CA GLY B 169 7.46 24.66 4.44
C GLY B 169 7.75 25.02 5.88
N SER B 170 7.41 26.24 6.31
CA SER B 170 7.71 26.68 7.65
C SER B 170 6.79 26.05 8.71
N LEU B 171 5.61 25.62 8.32
CA LEU B 171 4.71 24.93 9.21
C LEU B 171 4.78 23.41 8.95
N SER B 172 5.39 22.69 9.89
CA SER B 172 5.61 21.27 9.72
C SER B 172 5.08 20.43 10.88
N SER B 173 5.18 20.96 12.09
CA SER B 173 4.62 20.33 13.26
C SER B 173 3.10 20.35 13.15
N GLY B 174 2.52 19.22 13.46
CA GLY B 174 1.08 19.10 13.46
C GLY B 174 0.48 18.97 12.07
N VAL B 175 1.29 18.63 11.07
CA VAL B 175 0.77 18.39 9.71
C VAL B 175 0.61 16.89 9.46
N HIS B 176 -0.49 16.51 8.81
CA HIS B 176 -0.61 15.17 8.26
C HIS B 176 -1.01 15.32 6.82
N THR B 177 -0.15 14.86 5.93
CA THR B 177 -0.43 14.88 4.51
C THR B 177 -0.66 13.42 4.08
N PHE B 178 -1.83 13.17 3.50
CA PHE B 178 -2.30 11.83 3.28
C PHE B 178 -1.91 11.34 1.92
N PRO B 179 -1.51 10.03 1.81
CA PRO B 179 -1.19 9.49 0.49
C PRO B 179 -2.31 9.69 -0.54
N ALA B 180 -1.94 10.00 -1.78
CA ALA B 180 -2.94 10.18 -2.82
C ALA B 180 -3.67 8.88 -3.08
N VAL B 181 -4.92 9.02 -3.53
CA VAL B 181 -5.72 7.87 -3.88
C VAL B 181 -6.33 8.08 -5.27
N LEU B 182 -6.21 7.05 -6.10
CA LEU B 182 -6.76 7.02 -7.44
C LEU B 182 -8.21 6.53 -7.35
N GLN B 183 -9.12 7.33 -7.87
CA GLN B 183 -10.53 6.99 -7.96
C GLN B 183 -11.11 7.58 -9.23
N SER B 184 -11.82 6.76 -10.00
CA SER B 184 -12.39 7.15 -11.29
C SER B 184 -11.34 7.88 -12.15
N ASP B 185 -10.14 7.29 -12.27
CA ASP B 185 -9.04 7.76 -13.11
C ASP B 185 -8.23 9.00 -12.69
N LEU B 186 -8.61 9.64 -11.58
CA LEU B 186 -7.92 10.83 -11.06
C LEU B 186 -7.55 10.65 -9.61
N TYR B 187 -6.52 11.37 -9.21
CA TYR B 187 -6.04 11.32 -7.84
C TYR B 187 -6.67 12.42 -7.00
N THR B 188 -6.85 12.09 -5.72
CA THR B 188 -7.18 13.08 -4.70
C THR B 188 -6.22 12.90 -3.53
N LEU B 189 -5.82 14.02 -2.96
CA LEU B 189 -4.96 14.02 -1.79
C LEU B 189 -5.50 15.11 -0.87
N SER B 190 -5.07 15.06 0.38
CA SER B 190 -5.45 16.03 1.35
C SER B 190 -4.41 16.14 2.44
N SER B 191 -4.49 17.25 3.18
CA SER B 191 -3.57 17.52 4.26
C SER B 191 -4.28 18.34 5.31
N SER B 192 -4.00 17.99 6.57
CA SER B 192 -4.50 18.72 7.72
C SER B 192 -3.33 19.38 8.45
N VAL B 193 -3.59 20.52 9.11
CA VAL B 193 -2.60 21.11 9.96
C VAL B 193 -3.32 21.63 11.19
N THR B 194 -2.71 21.42 12.36
CA THR B 194 -3.32 21.87 13.60
C THR B 194 -2.36 22.88 14.25
N VAL B 195 -2.94 24.01 14.68
CA VAL B 195 -2.18 25.10 15.28
C VAL B 195 -2.98 25.61 16.50
N THR B 196 -2.32 26.39 17.36
CA THR B 196 -3.04 27.05 18.47
C THR B 196 -4.02 28.11 17.96
N SER B 197 -5.11 28.29 18.71
CA SER B 197 -6.13 29.26 18.31
C SER B 197 -5.58 30.70 18.25
N SER B 198 -4.53 30.99 19.02
CA SER B 198 -3.91 32.30 18.94
C SER B 198 -3.07 32.47 17.65
N THR B 199 -2.79 31.37 16.92
CA THR B 199 -2.03 31.42 15.66
C THR B 199 -2.89 31.80 14.45
N TRP B 200 -4.11 31.28 14.40
CA TRP B 200 -5.03 31.41 13.26
C TRP B 200 -6.42 31.75 13.74
N PRO B 201 -7.12 32.66 13.05
CA PRO B 201 -6.76 33.34 11.80
C PRO B 201 -5.86 34.59 11.92
N SER B 202 -5.35 34.93 13.12
CA SER B 202 -4.49 36.14 13.27
C SER B 202 -3.23 36.14 12.38
N GLU B 203 -2.68 34.96 12.09
CA GLU B 203 -1.58 34.81 11.15
C GLU B 203 -2.11 34.03 9.93
N SER B 204 -1.53 34.27 8.78
CA SER B 204 -1.96 33.57 7.61
C SER B 204 -1.40 32.15 7.63
N ILE B 205 -2.24 31.27 7.11
CA ILE B 205 -1.87 29.89 6.88
C ILE B 205 -2.32 29.59 5.46
N THR B 206 -1.36 29.14 4.65
CA THR B 206 -1.51 28.90 3.23
C THR B 206 -1.02 27.52 2.85
N CYS B 207 -1.86 26.81 2.10
CA CYS B 207 -1.52 25.55 1.42
C CYS B 207 -0.81 25.87 0.12
N ASN B 208 0.45 25.45 -0.04
CA ASN B 208 1.21 25.60 -1.30
C ASN B 208 1.23 24.29 -2.04
N VAL B 209 0.61 24.26 -3.22
CA VAL B 209 0.46 23.01 -3.98
C VAL B 209 1.11 23.19 -5.35
N ALA B 210 1.94 22.22 -5.76
CA ALA B 210 2.51 22.21 -7.11
C ALA B 210 2.18 20.89 -7.75
N HIS B 211 1.86 20.91 -9.03
CA HIS B 211 1.62 19.71 -9.79
C HIS B 211 2.50 19.84 -11.02
N PRO B 212 3.73 19.31 -10.95
CA PRO B 212 4.71 19.58 -12.00
C PRO B 212 4.29 19.15 -13.43
N ALA B 213 3.58 18.03 -13.57
CA ALA B 213 3.12 17.53 -14.88
C ALA B 213 2.26 18.54 -15.65
N SER B 214 1.48 19.34 -14.91
CA SER B 214 0.62 20.38 -15.49
C SER B 214 1.22 21.78 -15.31
N SER B 215 2.43 21.83 -14.75
CA SER B 215 3.12 23.06 -14.41
C SER B 215 2.27 24.05 -13.59
N THR B 216 1.38 23.51 -12.74
CA THR B 216 0.47 24.33 -11.91
C THR B 216 1.10 24.55 -10.52
N LYS B 217 0.94 25.77 -9.99
CA LYS B 217 1.41 26.11 -8.66
C LYS B 217 0.30 26.99 -8.07
N VAL B 218 -0.31 26.56 -6.97
CA VAL B 218 -1.39 27.32 -6.36
C VAL B 218 -1.06 27.55 -4.90
N ASP B 219 -1.26 28.76 -4.40
CA ASP B 219 -1.16 29.06 -2.97
C ASP B 219 -2.56 29.44 -2.47
N LYS B 220 -3.17 28.57 -1.65
CA LYS B 220 -4.52 28.76 -1.11
C LYS B 220 -4.46 29.13 0.38
N LYS B 221 -4.80 30.38 0.67
CA LYS B 221 -4.92 30.81 2.06
C LYS B 221 -6.20 30.20 2.69
N ILE B 222 -6.08 29.69 3.93
CA ILE B 222 -7.23 29.16 4.69
C ILE B 222 -7.83 30.34 5.48
N VAL B 223 -9.07 30.65 5.18
CA VAL B 223 -9.67 31.88 5.68
C VAL B 223 -10.94 31.48 6.40
N PRO B 224 -11.29 32.17 7.51
CA PRO B 224 -12.46 31.73 8.24
C PRO B 224 -13.78 31.83 7.45
N ARG B 225 -14.75 31.00 7.81
CA ARG B 225 -16.05 31.03 7.13
C ARG B 225 -16.93 32.14 7.71
N ALA C 2 -1.94 -28.66 -9.40
CA ALA C 2 -0.78 -29.25 -10.16
C ALA C 2 0.53 -28.71 -9.54
N GLU C 3 1.50 -29.58 -9.39
CA GLU C 3 2.74 -29.21 -8.68
C GLU C 3 3.59 -28.26 -9.54
N PHE C 4 4.30 -27.39 -8.85
CA PHE C 4 5.31 -26.57 -9.47
C PHE C 4 6.51 -27.46 -9.79
N ARG C 5 7.10 -27.28 -10.97
CA ARG C 5 8.33 -28.00 -11.34
C ARG C 5 9.49 -27.53 -10.51
N HIS C 6 10.23 -28.49 -9.98
CA HIS C 6 11.54 -28.28 -9.35
C HIS C 6 12.61 -29.25 -9.91
N ASP C 7 13.64 -28.71 -10.55
CA ASP C 7 14.70 -29.56 -11.09
C ASP C 7 15.62 -30.14 -10.05
N SER C 8 16.28 -31.23 -10.46
CA SER C 8 17.17 -31.97 -9.59
C SER C 8 18.61 -31.98 -10.14
#